data_1IDK
#
_entry.id   1IDK
#
_cell.length_a   45.400
_cell.length_b   83.500
_cell.length_c   93.400
_cell.angle_alpha   90.00
_cell.angle_beta   90.00
_cell.angle_gamma   90.00
#
_symmetry.space_group_name_H-M   'P 21 21 21'
#
loop_
_entity.id
_entity.type
_entity.pdbx_description
1 polymer 'PECTIN LYASE A'
2 water water
#
_entity_poly.entity_id   1
_entity_poly.type   'polypeptide(L)'
_entity_poly.pdbx_seq_one_letter_code
;VGVSGSAEGFAKGVTGGGSATPVYPDTIDELVSYLGDDEARVIVLTKTFDFTDSEGTTTGTGCAPWGTASACQVAIDQDD
WCENYEPDAPSVSVEYYNAGTLGITVTSNKSLIGEGSSGAIKGKGLRIVSGAENIIIQNIAVTDINPKYVWGGDAITLDD
CDLVWIDHVTTARIGRQHYVLGTSADNRVSLTNNYIDGVSDYSATCDGYHYWAIYLDGDADLVTMKGNYIYHTSGRSPKV
QDNTLLHAVNNYWYDISGHAFEIGEGGYVLAEGNVFQNVDTVLETYEGEAFTVPSSTAGEVCSTYLGRDCVINGFGSSGT
FSEDSTSFLSDFEGKNIASASAYTSVASRVVANAGQGNL
;
_entity_poly.pdbx_strand_id   A
#
# COMPACT_ATOMS: atom_id res chain seq x y z
N VAL A 1 18.09 -10.82 -15.45
CA VAL A 1 17.19 -9.63 -15.43
C VAL A 1 17.56 -8.81 -14.19
N GLY A 2 17.10 -7.56 -14.14
CA GLY A 2 17.38 -6.67 -13.01
C GLY A 2 16.29 -5.62 -12.84
N VAL A 3 16.56 -4.61 -12.01
CA VAL A 3 15.60 -3.53 -11.76
C VAL A 3 15.37 -2.65 -13.02
N SER A 4 14.11 -2.41 -13.33
CA SER A 4 13.71 -1.62 -14.49
C SER A 4 13.28 -0.22 -14.05
N GLY A 5 13.86 0.80 -14.67
CA GLY A 5 13.53 2.18 -14.33
C GLY A 5 14.14 2.59 -13.00
N SER A 6 13.69 3.72 -12.46
CA SER A 6 14.17 4.22 -11.18
C SER A 6 13.02 4.89 -10.42
N ALA A 7 13.18 5.06 -9.11
CA ALA A 7 12.15 5.65 -8.27
C ALA A 7 11.92 7.13 -8.54
N GLU A 8 10.66 7.55 -8.49
CA GLU A 8 10.33 8.96 -8.65
C GLU A 8 9.83 9.39 -7.28
N GLY A 9 9.92 10.68 -6.99
CA GLY A 9 9.41 11.13 -5.72
C GLY A 9 10.38 11.10 -4.55
N PHE A 10 9.83 10.99 -3.36
CA PHE A 10 10.63 11.02 -2.15
C PHE A 10 11.78 10.02 -2.06
N ALA A 11 11.60 8.82 -2.59
CA ALA A 11 12.66 7.82 -2.52
C ALA A 11 13.60 7.78 -3.73
N LYS A 12 13.67 8.89 -4.48
CA LYS A 12 14.54 8.97 -5.63
C LYS A 12 15.98 8.70 -5.15
N GLY A 13 16.70 7.87 -5.90
CA GLY A 13 18.07 7.56 -5.53
C GLY A 13 18.24 6.20 -4.85
N VAL A 14 17.13 5.51 -4.59
CA VAL A 14 17.17 4.19 -3.97
C VAL A 14 17.90 3.25 -4.95
N THR A 15 18.74 2.37 -4.42
CA THR A 15 19.49 1.43 -5.27
C THR A 15 19.24 -0.05 -5.00
N GLY A 16 18.69 -0.38 -3.83
CA GLY A 16 18.44 -1.76 -3.49
C GLY A 16 19.74 -2.52 -3.46
N GLY A 17 19.73 -3.73 -4.01
CA GLY A 17 20.94 -4.55 -4.05
C GLY A 17 21.99 -4.10 -5.05
N GLY A 18 21.71 -3.02 -5.78
CA GLY A 18 22.66 -2.48 -6.74
C GLY A 18 23.10 -3.46 -7.82
N SER A 19 24.41 -3.49 -8.07
CA SER A 19 24.99 -4.36 -9.09
C SER A 19 25.32 -5.80 -8.64
N ALA A 20 24.85 -6.19 -7.45
CA ALA A 20 25.09 -7.53 -6.96
C ALA A 20 24.61 -8.57 -7.96
N THR A 21 25.32 -9.69 -8.02
CA THR A 21 24.96 -10.77 -8.93
C THR A 21 23.64 -11.37 -8.45
N PRO A 22 22.64 -11.49 -9.33
CA PRO A 22 21.32 -12.03 -9.00
C PRO A 22 21.37 -13.46 -8.48
N VAL A 23 20.58 -13.75 -7.45
CA VAL A 23 20.49 -15.10 -6.89
C VAL A 23 19.06 -15.52 -7.17
N TYR A 24 18.85 -16.78 -7.51
CA TYR A 24 17.52 -17.29 -7.84
C TYR A 24 17.11 -18.34 -6.83
N PRO A 25 16.53 -17.93 -5.71
CA PRO A 25 16.12 -18.91 -4.69
C PRO A 25 15.30 -20.06 -5.29
N ASP A 26 15.45 -21.23 -4.69
CA ASP A 26 14.77 -22.43 -5.15
C ASP A 26 13.65 -22.84 -4.19
N THR A 27 13.91 -22.73 -2.90
CA THR A 27 12.95 -23.10 -1.87
C THR A 27 12.57 -21.86 -1.04
N ILE A 28 11.48 -21.96 -0.28
CA ILE A 28 11.03 -20.84 0.53
C ILE A 28 12.06 -20.48 1.60
N ASP A 29 12.82 -21.48 2.07
CA ASP A 29 13.87 -21.24 3.08
C ASP A 29 15.00 -20.38 2.53
N GLU A 30 15.31 -20.57 1.24
CA GLU A 30 16.36 -19.79 0.59
C GLU A 30 15.91 -18.35 0.42
N LEU A 31 14.66 -18.17 0.01
CA LEU A 31 14.11 -16.83 -0.17
C LEU A 31 14.20 -16.07 1.16
N VAL A 32 13.77 -16.73 2.23
CA VAL A 32 13.81 -16.11 3.56
C VAL A 32 15.24 -15.76 3.99
N SER A 33 16.21 -16.63 3.71
CA SER A 33 17.59 -16.34 4.09
C SER A 33 18.20 -15.20 3.30
N TYR A 34 17.87 -15.12 2.01
CA TYR A 34 18.39 -14.07 1.15
C TYR A 34 17.90 -12.66 1.51
N LEU A 35 16.62 -12.53 1.86
CA LEU A 35 16.02 -11.25 2.24
C LEU A 35 16.48 -10.73 3.61
N GLY A 36 16.88 -11.65 4.48
CA GLY A 36 17.32 -11.27 5.81
C GLY A 36 18.80 -11.30 6.10
N ASP A 37 19.63 -11.70 5.15
CA ASP A 37 21.07 -11.73 5.45
C ASP A 37 21.68 -10.33 5.36
N ASP A 38 22.88 -10.18 5.88
CA ASP A 38 23.55 -8.89 5.90
C ASP A 38 24.45 -8.66 4.69
N GLU A 39 23.88 -8.75 3.50
CA GLU A 39 24.66 -8.55 2.29
C GLU A 39 23.79 -8.05 1.15
N ALA A 40 24.33 -7.12 0.36
CA ALA A 40 23.61 -6.55 -0.78
C ALA A 40 23.26 -7.67 -1.77
N ARG A 41 21.97 -7.77 -2.11
CA ARG A 41 21.48 -8.81 -3.01
C ARG A 41 20.39 -8.40 -3.99
N VAL A 42 20.39 -9.04 -5.16
CA VAL A 42 19.37 -8.84 -6.17
C VAL A 42 18.80 -10.25 -6.18
N ILE A 43 17.56 -10.37 -5.74
CA ILE A 43 16.88 -11.65 -5.62
C ILE A 43 15.77 -11.77 -6.65
N VAL A 44 15.82 -12.82 -7.45
CA VAL A 44 14.83 -13.01 -8.49
C VAL A 44 13.88 -14.16 -8.20
N LEU A 45 12.58 -13.89 -8.32
CA LEU A 45 11.54 -14.90 -8.12
C LEU A 45 11.01 -15.28 -9.49
N THR A 46 11.12 -16.56 -9.85
CA THR A 46 10.64 -17.03 -11.15
C THR A 46 9.44 -17.96 -11.04
N LYS A 47 8.94 -18.17 -9.82
CA LYS A 47 7.79 -19.04 -9.58
C LYS A 47 7.09 -18.57 -8.32
N THR A 48 5.94 -19.16 -8.02
CA THR A 48 5.18 -18.80 -6.84
C THR A 48 5.72 -19.45 -5.59
N PHE A 49 6.23 -18.64 -4.66
CA PHE A 49 6.77 -19.16 -3.40
C PHE A 49 5.66 -19.25 -2.36
N ASP A 50 5.04 -20.43 -2.28
CA ASP A 50 3.93 -20.69 -1.37
C ASP A 50 4.34 -20.98 0.08
N PHE A 51 3.84 -20.17 1.01
CA PHE A 51 4.16 -20.33 2.44
C PHE A 51 2.90 -20.69 3.25
N THR A 52 1.76 -20.84 2.57
CA THR A 52 0.49 -21.17 3.23
C THR A 52 0.60 -22.15 4.41
N ASP A 53 1.09 -23.37 4.17
CA ASP A 53 1.21 -24.41 5.19
C ASP A 53 2.51 -24.50 5.96
N SER A 54 3.51 -23.73 5.56
CA SER A 54 4.82 -23.77 6.20
C SER A 54 4.87 -23.73 7.73
N GLU A 55 3.93 -23.04 8.36
CA GLU A 55 3.93 -22.94 9.82
C GLU A 55 2.69 -23.49 10.49
N GLY A 56 1.96 -24.36 9.79
CA GLY A 56 0.78 -24.99 10.36
C GLY A 56 -0.55 -24.23 10.34
N THR A 57 -1.45 -24.63 11.24
CA THR A 57 -2.78 -24.04 11.35
C THR A 57 -3.27 -23.97 12.81
N THR A 58 -3.90 -22.86 13.18
CA THR A 58 -4.44 -22.67 14.54
C THR A 58 -5.97 -22.62 14.55
N THR A 59 -6.54 -23.31 15.53
CA THR A 59 -7.99 -23.33 15.73
C THR A 59 -8.20 -22.53 17.02
N GLY A 60 -8.92 -21.42 16.91
CA GLY A 60 -9.16 -20.59 18.07
C GLY A 60 -10.56 -20.05 18.09
N THR A 61 -10.73 -18.89 18.72
CA THR A 61 -12.03 -18.28 18.81
C THR A 61 -11.96 -16.77 18.57
N GLY A 62 -12.84 -16.30 17.68
CA GLY A 62 -12.91 -14.90 17.34
C GLY A 62 -14.37 -14.47 17.32
N CYS A 63 -14.61 -13.25 16.85
CA CYS A 63 -15.97 -12.71 16.79
C CYS A 63 -16.37 -12.31 15.38
N ALA A 64 -17.66 -12.08 15.17
CA ALA A 64 -18.17 -11.68 13.84
C ALA A 64 -18.90 -10.33 13.91
N PRO A 65 -18.13 -9.20 13.98
CA PRO A 65 -18.70 -7.85 14.05
C PRO A 65 -19.33 -7.34 12.75
N TRP A 66 -19.04 -8.00 11.64
CA TRP A 66 -19.57 -7.55 10.36
C TRP A 66 -20.45 -8.62 9.72
N GLY A 67 -21.39 -9.16 10.51
CA GLY A 67 -22.31 -10.18 10.02
C GLY A 67 -21.74 -11.61 10.00
N THR A 68 -22.64 -12.60 10.03
CA THR A 68 -22.22 -13.99 10.00
C THR A 68 -22.54 -14.69 8.69
N ALA A 69 -22.72 -13.94 7.61
CA ALA A 69 -23.01 -14.54 6.30
C ALA A 69 -21.69 -15.10 5.73
N SER A 70 -21.78 -16.06 4.81
CA SER A 70 -20.58 -16.66 4.25
C SER A 70 -19.61 -15.61 3.73
N ALA A 71 -20.12 -14.71 2.90
CA ALA A 71 -19.31 -13.64 2.30
C ALA A 71 -18.88 -12.49 3.25
N CYS A 72 -18.93 -12.71 4.55
CA CYS A 72 -18.53 -11.70 5.51
C CYS A 72 -17.24 -12.09 6.17
N GLN A 73 -16.52 -11.10 6.66
CA GLN A 73 -15.26 -11.36 7.34
C GLN A 73 -15.48 -11.38 8.84
N VAL A 74 -14.72 -12.21 9.52
CA VAL A 74 -14.79 -12.35 10.96
C VAL A 74 -13.39 -12.03 11.49
N ALA A 75 -13.30 -11.66 12.76
CA ALA A 75 -12.00 -11.29 13.34
C ALA A 75 -11.38 -12.35 14.21
N ILE A 76 -10.06 -12.42 14.18
CA ILE A 76 -9.30 -13.35 15.00
C ILE A 76 -9.08 -12.55 16.27
N ASP A 77 -9.33 -13.19 17.41
CA ASP A 77 -9.19 -12.50 18.69
C ASP A 77 -7.76 -12.28 19.19
N GLN A 78 -6.99 -11.44 18.50
CA GLN A 78 -5.63 -11.17 18.96
C GLN A 78 -5.68 -10.08 20.02
N ASP A 79 -4.94 -10.26 21.10
CA ASP A 79 -4.90 -9.30 22.22
C ASP A 79 -6.28 -9.00 22.79
N ASP A 80 -7.14 -10.03 22.81
CA ASP A 80 -8.51 -9.91 23.30
C ASP A 80 -9.21 -8.75 22.58
N TRP A 81 -8.89 -8.61 21.29
CA TRP A 81 -9.43 -7.55 20.44
C TRP A 81 -10.94 -7.42 20.59
N CYS A 82 -11.66 -8.51 20.25
CA CYS A 82 -13.12 -8.54 20.32
C CYS A 82 -13.64 -7.95 21.64
N GLU A 83 -13.58 -8.74 22.71
CA GLU A 83 -14.07 -8.31 24.02
C GLU A 83 -13.60 -6.91 24.47
N ASN A 84 -12.41 -6.51 24.02
CA ASN A 84 -11.86 -5.21 24.39
C ASN A 84 -12.32 -4.05 23.48
N TYR A 85 -11.66 -3.87 22.35
CA TYR A 85 -11.96 -2.79 21.40
C TYR A 85 -13.35 -2.79 20.78
N GLU A 86 -14.15 -3.83 21.05
CA GLU A 86 -15.49 -3.91 20.48
C GLU A 86 -16.29 -5.09 21.05
N PRO A 87 -16.81 -4.96 22.31
CA PRO A 87 -17.60 -6.01 23.01
C PRO A 87 -18.62 -6.67 22.07
N ASP A 88 -18.07 -7.53 21.23
CA ASP A 88 -18.73 -8.28 20.19
C ASP A 88 -20.02 -9.00 20.55
N ALA A 89 -20.58 -9.62 19.51
CA ALA A 89 -21.78 -10.39 19.68
C ALA A 89 -21.44 -11.85 19.29
N PRO A 90 -21.72 -12.32 18.05
CA PRO A 90 -21.35 -13.73 17.86
C PRO A 90 -19.86 -14.05 17.91
N SER A 91 -19.52 -15.10 18.66
CA SER A 91 -18.16 -15.58 18.75
C SER A 91 -18.21 -16.84 17.90
N VAL A 92 -17.28 -16.95 16.95
CA VAL A 92 -17.25 -18.09 16.02
C VAL A 92 -15.91 -18.83 16.09
N SER A 93 -15.89 -20.06 15.59
CA SER A 93 -14.67 -20.86 15.55
C SER A 93 -13.92 -20.44 14.29
N VAL A 94 -12.65 -20.10 14.46
CA VAL A 94 -11.82 -19.67 13.34
C VAL A 94 -10.64 -20.64 13.14
N GLU A 95 -10.28 -20.88 11.89
CA GLU A 95 -9.18 -21.78 11.59
C GLU A 95 -8.31 -21.11 10.53
N TYR A 96 -7.11 -20.70 10.94
CA TYR A 96 -6.21 -19.99 10.04
C TYR A 96 -4.79 -20.54 9.94
N TYR A 97 -4.11 -20.22 8.84
CA TYR A 97 -2.73 -20.65 8.66
C TYR A 97 -1.83 -19.71 9.48
N ASN A 98 -0.86 -20.26 10.19
CA ASN A 98 0.04 -19.47 11.04
C ASN A 98 1.11 -18.65 10.34
N ALA A 99 1.35 -18.95 9.06
CA ALA A 99 2.37 -18.24 8.27
C ALA A 99 1.97 -16.81 7.93
N GLY A 100 0.70 -16.61 7.55
CA GLY A 100 0.22 -15.28 7.20
C GLY A 100 0.29 -14.27 8.33
N THR A 101 0.34 -14.75 9.56
CA THR A 101 0.40 -13.94 10.77
C THR A 101 1.49 -12.87 10.80
N LEU A 102 2.66 -13.20 10.28
CA LEU A 102 3.78 -12.26 10.29
C LEU A 102 4.53 -12.40 8.99
N GLY A 103 4.97 -11.27 8.44
CA GLY A 103 5.69 -11.28 7.18
C GLY A 103 7.17 -11.59 7.25
N ILE A 104 7.74 -11.89 6.07
CA ILE A 104 9.16 -12.22 5.94
C ILE A 104 9.99 -10.98 6.21
N THR A 105 11.03 -11.11 7.02
CA THR A 105 11.91 -9.99 7.36
C THR A 105 12.74 -9.58 6.16
N VAL A 106 12.81 -8.27 5.92
CA VAL A 106 13.63 -7.74 4.83
C VAL A 106 14.63 -6.76 5.45
N THR A 107 15.91 -7.00 5.19
CA THR A 107 16.99 -6.17 5.70
C THR A 107 17.44 -5.18 4.63
N SER A 108 18.47 -4.41 4.93
CA SER A 108 18.96 -3.41 3.99
C SER A 108 19.57 -3.87 2.66
N ASN A 109 19.57 -2.95 1.70
CA ASN A 109 20.15 -3.15 0.38
C ASN A 109 19.69 -4.37 -0.40
N LYS A 110 18.39 -4.51 -0.57
CA LYS A 110 17.84 -5.64 -1.31
C LYS A 110 16.98 -5.14 -2.44
N SER A 111 17.05 -5.86 -3.56
CA SER A 111 16.24 -5.60 -4.73
C SER A 111 15.53 -6.95 -4.89
N LEU A 112 14.22 -7.01 -4.63
CA LEU A 112 13.46 -8.24 -4.78
C LEU A 112 12.61 -8.04 -6.04
N ILE A 113 12.90 -8.80 -7.09
CA ILE A 113 12.18 -8.62 -8.33
C ILE A 113 11.58 -9.93 -8.84
N GLY A 114 10.57 -9.82 -9.70
CA GLY A 114 9.95 -11.01 -10.25
C GLY A 114 10.13 -10.91 -11.74
N GLU A 115 10.19 -12.05 -12.43
CA GLU A 115 10.37 -12.05 -13.89
C GLU A 115 9.02 -12.24 -14.56
N GLY A 116 8.64 -11.31 -15.45
CA GLY A 116 7.36 -11.40 -16.14
C GLY A 116 6.21 -11.44 -15.15
N SER A 117 5.28 -12.39 -15.33
CA SER A 117 4.14 -12.55 -14.43
C SER A 117 4.30 -13.85 -13.66
N SER A 118 5.54 -14.20 -13.33
CA SER A 118 5.84 -15.43 -12.62
C SER A 118 6.17 -15.29 -11.15
N GLY A 119 6.79 -14.18 -10.79
CA GLY A 119 7.19 -13.97 -9.40
C GLY A 119 6.03 -13.71 -8.46
N ALA A 120 5.98 -14.45 -7.37
CA ALA A 120 4.90 -14.28 -6.42
C ALA A 120 5.22 -14.90 -5.10
N ILE A 121 4.47 -14.47 -4.08
CA ILE A 121 4.60 -14.97 -2.72
C ILE A 121 3.16 -15.20 -2.29
N LYS A 122 2.86 -16.42 -1.84
CA LYS A 122 1.51 -16.77 -1.41
C LYS A 122 1.47 -17.19 0.06
N GLY A 123 0.44 -16.78 0.78
CA GLY A 123 0.32 -17.17 2.18
C GLY A 123 1.16 -16.46 3.21
N LYS A 124 2.01 -15.53 2.80
CA LYS A 124 2.84 -14.77 3.75
C LYS A 124 3.27 -13.47 3.09
N GLY A 125 3.37 -12.41 3.87
CA GLY A 125 3.74 -11.11 3.32
C GLY A 125 5.18 -10.75 3.58
N LEU A 126 5.50 -9.46 3.52
CA LEU A 126 6.85 -8.94 3.74
C LEU A 126 6.85 -7.89 4.84
N ARG A 127 7.98 -7.76 5.53
CA ARG A 127 8.15 -6.83 6.63
C ARG A 127 9.52 -6.16 6.55
N ILE A 128 9.53 -4.88 6.26
CA ILE A 128 10.79 -4.15 6.19
C ILE A 128 11.00 -3.66 7.62
N VAL A 129 11.86 -4.40 8.34
CA VAL A 129 12.18 -4.13 9.74
C VAL A 129 12.89 -2.81 10.06
N SER A 130 12.80 -2.44 11.34
CA SER A 130 13.41 -1.21 11.87
C SER A 130 14.91 -1.10 11.58
N GLY A 131 15.33 0.07 11.11
CA GLY A 131 16.73 0.31 10.78
C GLY A 131 17.08 -0.02 9.33
N ALA A 132 16.29 -0.88 8.68
CA ALA A 132 16.54 -1.28 7.30
C ALA A 132 16.38 -0.08 6.36
N GLU A 133 17.18 -0.04 5.30
CA GLU A 133 17.12 1.05 4.32
C GLU A 133 17.59 0.60 2.93
N ASN A 134 17.26 1.39 1.92
CA ASN A 134 17.67 1.11 0.54
C ASN A 134 17.14 -0.24 0.05
N ILE A 135 15.84 -0.30 -0.19
CA ILE A 135 15.17 -1.51 -0.61
C ILE A 135 14.24 -1.25 -1.82
N ILE A 136 14.37 -2.11 -2.83
CA ILE A 136 13.56 -2.04 -4.03
C ILE A 136 12.77 -3.34 -4.13
N ILE A 137 11.44 -3.24 -4.21
CA ILE A 137 10.58 -4.41 -4.37
C ILE A 137 9.83 -4.13 -5.68
N GLN A 138 10.12 -4.92 -6.71
CA GLN A 138 9.52 -4.66 -8.00
C GLN A 138 8.99 -5.86 -8.76
N ASN A 139 7.81 -5.66 -9.34
CA ASN A 139 7.18 -6.67 -10.17
C ASN A 139 6.94 -8.05 -9.57
N ILE A 140 6.23 -8.10 -8.45
CA ILE A 140 5.87 -9.37 -7.82
C ILE A 140 4.45 -9.23 -7.29
N ALA A 141 3.83 -10.36 -6.98
CA ALA A 141 2.47 -10.40 -6.43
C ALA A 141 2.55 -11.02 -5.05
N VAL A 142 1.85 -10.42 -4.09
CA VAL A 142 1.78 -10.92 -2.71
C VAL A 142 0.26 -11.16 -2.53
N THR A 143 -0.16 -12.41 -2.56
CA THR A 143 -1.59 -12.71 -2.44
C THR A 143 -1.96 -13.81 -1.43
N ASP A 144 -3.25 -14.13 -1.39
CA ASP A 144 -3.83 -15.17 -0.54
C ASP A 144 -3.27 -15.33 0.86
N ILE A 145 -3.57 -14.39 1.74
CA ILE A 145 -3.10 -14.45 3.12
C ILE A 145 -4.33 -14.41 4.03
N ASN A 146 -4.89 -15.58 4.34
CA ASN A 146 -6.08 -15.70 5.19
C ASN A 146 -7.18 -14.71 4.84
N PRO A 147 -7.71 -14.81 3.61
CA PRO A 147 -8.77 -13.93 3.10
C PRO A 147 -9.96 -13.60 4.04
N LYS A 148 -10.49 -14.62 4.72
CA LYS A 148 -11.65 -14.43 5.59
C LYS A 148 -11.40 -13.92 7.02
N TYR A 149 -10.15 -13.81 7.44
CA TYR A 149 -9.89 -13.39 8.82
C TYR A 149 -9.11 -12.11 9.03
N VAL A 150 -9.71 -11.15 9.71
CA VAL A 150 -9.05 -9.90 10.01
C VAL A 150 -8.01 -10.29 11.04
N TRP A 151 -6.83 -9.69 10.94
CA TRP A 151 -5.70 -10.02 11.80
C TRP A 151 -5.06 -11.31 11.29
N GLY A 152 -5.62 -11.82 10.18
CA GLY A 152 -5.12 -13.04 9.55
C GLY A 152 -3.83 -12.79 8.79
N GLY A 153 -3.53 -11.53 8.51
CA GLY A 153 -2.31 -11.18 7.79
C GLY A 153 -2.28 -9.85 7.04
N ASP A 154 -1.09 -9.23 7.03
CA ASP A 154 -0.84 -7.98 6.32
C ASP A 154 0.14 -8.30 5.19
N ALA A 155 -0.18 -7.85 3.97
CA ALA A 155 0.69 -8.12 2.83
C ALA A 155 2.06 -7.42 2.90
N ILE A 156 2.08 -6.10 2.97
CA ILE A 156 3.35 -5.39 3.02
C ILE A 156 3.40 -4.41 4.18
N THR A 157 4.37 -4.61 5.07
CA THR A 157 4.55 -3.80 6.27
C THR A 157 5.91 -3.15 6.28
N LEU A 158 5.96 -1.84 6.56
CA LEU A 158 7.20 -1.08 6.65
C LEU A 158 7.15 -0.52 8.04
N ASP A 159 8.21 -0.68 8.81
CA ASP A 159 8.22 -0.16 10.16
C ASP A 159 9.58 0.42 10.46
N ASP A 160 9.68 1.74 10.40
CA ASP A 160 10.93 2.45 10.67
C ASP A 160 12.05 2.02 9.72
N CYS A 161 11.90 2.38 8.45
CA CYS A 161 12.87 2.07 7.41
C CYS A 161 12.96 3.29 6.51
N ASP A 162 14.06 3.47 5.81
CA ASP A 162 14.25 4.64 4.96
C ASP A 162 14.63 4.25 3.52
N LEU A 163 14.22 5.07 2.55
CA LEU A 163 14.56 4.87 1.14
C LEU A 163 14.07 3.51 0.60
N VAL A 164 12.76 3.37 0.53
CA VAL A 164 12.10 2.15 0.06
C VAL A 164 11.26 2.46 -1.17
N TRP A 165 11.33 1.60 -2.18
CA TRP A 165 10.58 1.79 -3.41
C TRP A 165 9.85 0.50 -3.71
N ILE A 166 8.51 0.58 -3.73
CA ILE A 166 7.66 -0.58 -4.02
C ILE A 166 7.05 -0.19 -5.36
N ASP A 167 7.38 -0.96 -6.40
CA ASP A 167 6.92 -0.64 -7.73
C ASP A 167 6.37 -1.87 -8.46
N HIS A 168 5.24 -1.68 -9.15
CA HIS A 168 4.63 -2.75 -9.93
C HIS A 168 4.31 -4.00 -9.11
N VAL A 169 3.81 -3.79 -7.89
CA VAL A 169 3.44 -4.89 -7.02
C VAL A 169 1.91 -5.04 -7.04
N THR A 170 1.44 -6.28 -7.10
CA THR A 170 0.01 -6.56 -7.09
C THR A 170 -0.31 -7.26 -5.76
N THR A 171 -1.37 -6.82 -5.09
CA THR A 171 -1.78 -7.42 -3.82
C THR A 171 -3.27 -7.78 -3.91
N ALA A 172 -3.63 -9.00 -3.51
CA ALA A 172 -5.03 -9.45 -3.58
C ALA A 172 -5.36 -10.56 -2.61
N ARG A 173 -6.60 -10.53 -2.13
CA ARG A 173 -7.12 -11.53 -1.19
C ARG A 173 -6.26 -11.66 0.07
N ILE A 174 -6.08 -10.54 0.76
CA ILE A 174 -5.32 -10.48 2.00
C ILE A 174 -6.35 -10.35 3.12
N GLY A 175 -6.06 -10.92 4.27
CA GLY A 175 -6.98 -10.87 5.39
C GLY A 175 -7.20 -9.48 5.95
N ARG A 176 -6.11 -8.72 6.09
CA ARG A 176 -6.20 -7.37 6.61
C ARG A 176 -5.56 -6.32 5.66
N GLN A 177 -4.53 -5.61 6.11
CA GLN A 177 -3.91 -4.55 5.30
C GLN A 177 -3.03 -4.98 4.12
N HIS A 178 -3.17 -4.29 2.98
CA HIS A 178 -2.31 -4.56 1.84
C HIS A 178 -1.02 -3.82 2.12
N TYR A 179 -1.15 -2.61 2.66
CA TYR A 179 0.01 -1.78 3.01
C TYR A 179 -0.19 -1.11 4.38
N VAL A 180 0.80 -1.26 5.26
CA VAL A 180 0.75 -0.63 6.58
C VAL A 180 2.10 0.04 6.73
N LEU A 181 2.11 1.34 6.99
CA LEU A 181 3.36 2.06 7.16
C LEU A 181 3.55 2.58 8.58
N GLY A 182 4.63 2.14 9.20
CA GLY A 182 4.96 2.56 10.56
C GLY A 182 6.33 3.20 10.53
N THR A 183 6.62 3.91 9.44
CA THR A 183 7.89 4.62 9.23
C THR A 183 8.10 5.78 10.26
N SER A 184 9.34 6.24 10.41
CA SER A 184 9.62 7.31 11.36
C SER A 184 9.97 8.64 10.67
N ALA A 185 10.31 9.64 11.48
CA ALA A 185 10.64 10.97 10.99
C ALA A 185 11.69 11.04 9.87
N ASP A 186 11.28 11.61 8.74
CA ASP A 186 12.09 11.80 7.53
C ASP A 186 12.41 10.58 6.68
N ASN A 187 11.64 9.52 6.87
CA ASN A 187 11.80 8.30 6.10
C ASN A 187 11.11 8.51 4.75
N ARG A 188 11.85 8.26 3.69
CA ARG A 188 11.35 8.45 2.34
C ARG A 188 10.87 7.16 1.71
N VAL A 189 9.62 7.17 1.23
CA VAL A 189 9.01 6.01 0.59
C VAL A 189 8.27 6.40 -0.69
N SER A 190 8.46 5.60 -1.74
CA SER A 190 7.78 5.83 -3.02
C SER A 190 7.03 4.56 -3.37
N LEU A 191 5.71 4.68 -3.51
CA LEU A 191 4.84 3.57 -3.89
C LEU A 191 4.35 3.93 -5.28
N THR A 192 4.87 3.25 -6.30
CA THR A 192 4.50 3.55 -7.66
C THR A 192 4.01 2.37 -8.49
N ASN A 193 3.08 2.66 -9.39
CA ASN A 193 2.55 1.69 -10.33
C ASN A 193 2.04 0.38 -9.76
N ASN A 194 1.54 0.41 -8.52
CA ASN A 194 1.02 -0.78 -7.86
C ASN A 194 -0.46 -1.04 -8.14
N TYR A 195 -0.89 -2.28 -7.95
CA TYR A 195 -2.28 -2.66 -8.20
C TYR A 195 -2.87 -3.25 -6.93
N ILE A 196 -3.78 -2.50 -6.31
CA ILE A 196 -4.44 -2.97 -5.10
C ILE A 196 -5.76 -3.59 -5.56
N ASP A 197 -5.81 -4.93 -5.61
CA ASP A 197 -7.00 -5.68 -6.02
C ASP A 197 -7.89 -5.97 -4.80
N GLY A 198 -8.91 -5.15 -4.59
CA GLY A 198 -9.79 -5.30 -3.44
C GLY A 198 -10.92 -6.31 -3.55
N VAL A 199 -11.03 -6.98 -4.70
CA VAL A 199 -12.05 -8.00 -4.95
C VAL A 199 -11.75 -9.24 -4.11
N SER A 200 -12.65 -9.56 -3.19
CA SER A 200 -12.48 -10.73 -2.34
C SER A 200 -13.81 -11.40 -2.02
N ASP A 201 -13.74 -12.68 -1.67
CA ASP A 201 -14.95 -13.45 -1.33
C ASP A 201 -15.45 -13.14 0.08
N TYR A 202 -14.57 -12.55 0.90
CA TYR A 202 -14.91 -12.17 2.28
C TYR A 202 -14.50 -10.71 2.51
N SER A 203 -15.43 -9.89 2.98
CA SER A 203 -15.14 -8.48 3.25
C SER A 203 -15.83 -8.03 4.52
N ALA A 204 -15.24 -7.05 5.20
CA ALA A 204 -15.82 -6.52 6.42
C ALA A 204 -17.11 -5.74 6.11
N THR A 205 -17.48 -5.69 4.84
CA THR A 205 -18.69 -5.01 4.40
C THR A 205 -19.62 -6.00 3.70
N CYS A 206 -19.19 -7.26 3.63
CA CYS A 206 -19.94 -8.36 3.03
C CYS A 206 -20.37 -8.27 1.57
N ASP A 207 -19.94 -7.22 0.86
CA ASP A 207 -20.31 -7.05 -0.55
C ASP A 207 -19.22 -7.44 -1.54
N GLY A 208 -18.03 -7.75 -1.01
CA GLY A 208 -16.92 -8.13 -1.86
C GLY A 208 -15.94 -7.00 -2.11
N TYR A 209 -15.96 -6.02 -1.22
CA TYR A 209 -15.07 -4.85 -1.31
C TYR A 209 -14.14 -4.89 -0.10
N HIS A 210 -12.84 -4.80 -0.36
CA HIS A 210 -11.85 -4.84 0.72
C HIS A 210 -11.76 -3.51 1.45
N TYR A 211 -11.90 -3.53 2.76
CA TYR A 211 -11.86 -2.32 3.57
C TYR A 211 -10.47 -1.91 4.04
N TRP A 212 -9.65 -2.92 4.34
CA TRP A 212 -8.29 -2.72 4.86
C TRP A 212 -7.27 -2.60 3.71
N ALA A 213 -7.22 -1.44 3.09
CA ALA A 213 -6.32 -1.22 1.97
C ALA A 213 -4.93 -0.67 2.28
N ILE A 214 -4.84 0.63 2.44
CA ILE A 214 -3.58 1.33 2.69
C ILE A 214 -3.67 2.11 4.00
N TYR A 215 -2.73 1.88 4.89
CA TYR A 215 -2.70 2.55 6.19
C TYR A 215 -1.38 3.28 6.41
N LEU A 216 -1.43 4.60 6.37
CA LEU A 216 -0.25 5.43 6.60
C LEU A 216 -0.29 5.91 8.04
N ASP A 217 0.39 5.19 8.94
CA ASP A 217 0.42 5.50 10.37
C ASP A 217 1.83 5.86 10.85
N GLY A 218 2.65 6.36 9.93
CA GLY A 218 4.02 6.70 10.29
C GLY A 218 4.14 7.92 11.17
N ASP A 219 5.38 8.27 11.49
CA ASP A 219 5.67 9.41 12.33
C ASP A 219 5.79 10.60 11.41
N ALA A 220 6.98 11.17 11.25
CA ALA A 220 7.12 12.31 10.34
C ALA A 220 7.67 11.89 8.97
N ASP A 221 6.98 10.96 8.31
CA ASP A 221 7.42 10.44 7.02
C ASP A 221 6.95 11.15 5.75
N LEU A 222 7.65 10.86 4.66
CA LEU A 222 7.40 11.46 3.35
C LEU A 222 7.05 10.34 2.38
N VAL A 223 5.78 10.30 1.97
CA VAL A 223 5.33 9.25 1.06
C VAL A 223 4.84 9.80 -0.28
N THR A 224 5.35 9.23 -1.38
CA THR A 224 4.94 9.58 -2.74
C THR A 224 4.07 8.43 -3.26
N MET A 225 2.85 8.72 -3.72
CA MET A 225 1.99 7.68 -4.31
C MET A 225 1.80 8.13 -5.73
N LYS A 226 2.32 7.39 -6.70
CA LYS A 226 2.14 7.78 -8.10
C LYS A 226 1.84 6.57 -8.98
N GLY A 227 0.87 6.74 -9.89
CA GLY A 227 0.48 5.68 -10.83
C GLY A 227 -0.20 4.42 -10.28
N ASN A 228 -0.63 4.47 -9.03
CA ASN A 228 -1.27 3.30 -8.43
C ASN A 228 -2.72 3.14 -8.84
N TYR A 229 -3.15 1.89 -8.88
CA TYR A 229 -4.50 1.53 -9.26
C TYR A 229 -5.18 0.96 -8.02
N ILE A 230 -6.10 1.71 -7.42
CA ILE A 230 -6.84 1.27 -6.24
C ILE A 230 -8.23 0.87 -6.78
N TYR A 231 -8.51 -0.42 -6.71
CA TYR A 231 -9.74 -0.96 -7.24
C TYR A 231 -10.56 -1.85 -6.32
N HIS A 232 -11.88 -1.62 -6.33
CA HIS A 232 -12.85 -2.40 -5.57
C HIS A 232 -12.64 -2.45 -4.06
N THR A 233 -12.27 -1.31 -3.46
CA THR A 233 -12.08 -1.25 -2.01
C THR A 233 -13.28 -0.54 -1.39
N SER A 234 -13.37 -0.54 -0.07
CA SER A 234 -14.49 0.09 0.61
C SER A 234 -14.06 1.08 1.69
N GLY A 235 -12.77 1.17 1.92
CA GLY A 235 -12.28 2.09 2.92
C GLY A 235 -10.76 2.13 2.89
N ARG A 236 -10.19 2.94 3.78
CA ARG A 236 -8.75 3.10 3.93
C ARG A 236 -7.96 3.13 2.63
N SER A 237 -8.33 4.01 1.71
CA SER A 237 -7.67 4.12 0.41
C SER A 237 -7.26 5.56 0.09
N PRO A 238 -6.36 6.16 0.88
CA PRO A 238 -5.67 5.63 2.06
C PRO A 238 -6.12 6.29 3.37
N LYS A 239 -5.74 5.68 4.48
CA LYS A 239 -6.02 6.20 5.81
C LYS A 239 -4.71 6.87 6.21
N VAL A 240 -4.73 8.19 6.31
CA VAL A 240 -3.55 8.97 6.66
C VAL A 240 -3.71 9.51 8.08
N GLN A 241 -2.70 9.33 8.93
CA GLN A 241 -2.74 9.81 10.32
C GLN A 241 -1.42 10.48 10.69
N ASP A 242 -1.25 10.74 11.98
CA ASP A 242 -0.03 11.37 12.52
C ASP A 242 0.48 12.46 11.60
N ASN A 243 1.78 12.75 11.63
CA ASN A 243 2.29 13.80 10.77
C ASN A 243 2.95 13.30 9.49
N THR A 244 2.19 12.58 8.69
CA THR A 244 2.67 12.05 7.41
C THR A 244 2.40 13.08 6.31
N LEU A 245 3.39 13.32 5.44
CA LEU A 245 3.24 14.23 4.30
C LEU A 245 3.07 13.29 3.08
N LEU A 246 1.88 13.27 2.49
CA LEU A 246 1.59 12.42 1.34
C LEU A 246 1.39 13.18 0.05
N HIS A 247 2.20 12.86 -0.94
CA HIS A 247 2.10 13.44 -2.29
C HIS A 247 1.45 12.36 -3.14
N ALA A 248 0.16 12.51 -3.40
CA ALA A 248 -0.59 11.54 -4.20
C ALA A 248 -0.83 12.15 -5.57
N VAL A 249 -0.10 11.63 -6.54
CA VAL A 249 -0.16 12.17 -7.88
C VAL A 249 -0.40 11.10 -8.95
N ASN A 250 -1.28 11.41 -9.88
CA ASN A 250 -1.58 10.52 -11.00
C ASN A 250 -1.96 9.09 -10.64
N ASN A 251 -2.85 8.93 -9.66
CA ASN A 251 -3.31 7.60 -9.26
C ASN A 251 -4.73 7.43 -9.81
N TYR A 252 -5.24 6.20 -9.77
CA TYR A 252 -6.55 5.92 -10.31
C TYR A 252 -7.34 5.09 -9.32
N TRP A 253 -8.45 5.64 -8.83
CA TRP A 253 -9.34 4.97 -7.92
C TRP A 253 -10.55 4.59 -8.76
N TYR A 254 -10.94 3.32 -8.74
CA TYR A 254 -12.08 2.89 -9.53
C TYR A 254 -12.97 1.88 -8.80
N ASP A 255 -14.27 2.15 -8.81
CA ASP A 255 -15.28 1.30 -8.18
C ASP A 255 -15.03 1.09 -6.69
N ILE A 256 -15.22 2.17 -5.93
CA ILE A 256 -15.03 2.13 -4.48
C ILE A 256 -16.39 2.31 -3.81
N SER A 257 -16.99 1.20 -3.42
CA SER A 257 -18.28 1.22 -2.75
C SER A 257 -17.92 1.37 -1.29
N GLY A 258 -17.82 2.60 -0.85
CA GLY A 258 -17.48 2.89 0.52
C GLY A 258 -16.79 4.22 0.44
N HIS A 259 -15.54 4.29 0.83
CA HIS A 259 -14.82 5.55 0.75
C HIS A 259 -13.31 5.38 0.56
N ALA A 260 -12.68 6.46 0.11
CA ALA A 260 -11.25 6.48 -0.14
C ALA A 260 -10.44 7.10 1.04
N PHE A 261 -10.25 8.42 1.01
CA PHE A 261 -9.46 9.10 2.03
C PHE A 261 -10.09 9.24 3.42
N GLU A 262 -9.25 9.07 4.43
CA GLU A 262 -9.59 9.24 5.85
C GLU A 262 -8.36 10.00 6.28
N ILE A 263 -8.48 11.31 6.41
CA ILE A 263 -7.36 12.13 6.78
C ILE A 263 -7.46 12.50 8.27
N GLY A 264 -6.67 11.80 9.07
CA GLY A 264 -6.65 12.04 10.50
C GLY A 264 -5.90 13.28 10.86
N GLU A 265 -6.05 13.67 12.13
CA GLU A 265 -5.41 14.85 12.69
C GLU A 265 -3.90 14.81 12.50
N GLY A 266 -3.35 15.86 11.88
CA GLY A 266 -1.91 15.91 11.66
C GLY A 266 -1.45 15.49 10.27
N GLY A 267 -2.31 14.77 9.54
CA GLY A 267 -1.96 14.31 8.20
C GLY A 267 -2.04 15.40 7.14
N TYR A 268 -1.09 15.41 6.20
CA TYR A 268 -1.05 16.41 5.12
C TYR A 268 -1.14 15.72 3.78
N VAL A 269 -2.05 16.19 2.92
CA VAL A 269 -2.18 15.57 1.61
C VAL A 269 -2.18 16.61 0.50
N LEU A 270 -1.37 16.35 -0.52
CA LEU A 270 -1.32 17.17 -1.71
C LEU A 270 -1.75 16.17 -2.78
N ALA A 271 -3.00 16.30 -3.23
CA ALA A 271 -3.56 15.42 -4.25
C ALA A 271 -3.74 16.15 -5.58
N GLU A 272 -2.98 15.74 -6.59
CA GLU A 272 -3.07 16.36 -7.88
C GLU A 272 -3.05 15.34 -9.04
N GLY A 273 -3.73 15.67 -10.14
CA GLY A 273 -3.72 14.81 -11.30
C GLY A 273 -4.21 13.38 -11.13
N ASN A 274 -5.04 13.12 -10.12
CA ASN A 274 -5.60 11.80 -9.86
C ASN A 274 -6.97 11.67 -10.56
N VAL A 275 -7.44 10.45 -10.74
CA VAL A 275 -8.77 10.27 -11.33
C VAL A 275 -9.56 9.41 -10.34
N PHE A 276 -10.76 9.87 -9.99
CA PHE A 276 -11.68 9.18 -9.07
C PHE A 276 -12.90 8.84 -9.91
N GLN A 277 -13.06 7.56 -10.20
CA GLN A 277 -14.15 7.10 -11.03
C GLN A 277 -15.04 6.12 -10.26
N ASN A 278 -16.30 6.48 -10.09
CA ASN A 278 -17.24 5.61 -9.39
C ASN A 278 -16.79 5.32 -7.96
N VAL A 279 -16.41 6.36 -7.26
CA VAL A 279 -16.02 6.26 -5.86
C VAL A 279 -17.16 6.96 -5.13
N ASP A 280 -17.89 6.24 -4.28
CA ASP A 280 -19.01 6.83 -3.56
C ASP A 280 -18.63 8.06 -2.75
N THR A 281 -17.62 7.92 -1.89
CA THR A 281 -17.17 9.02 -1.06
C THR A 281 -15.63 9.13 -1.15
N VAL A 282 -15.13 10.22 -1.73
CA VAL A 282 -13.69 10.40 -1.84
C VAL A 282 -13.10 10.78 -0.49
N LEU A 283 -13.77 11.67 0.25
CA LEU A 283 -13.27 12.11 1.55
C LEU A 283 -14.26 11.80 2.69
N GLU A 284 -13.86 10.94 3.61
CA GLU A 284 -14.72 10.52 4.73
C GLU A 284 -14.46 11.37 5.96
N THR A 285 -13.27 11.19 6.52
CA THR A 285 -12.85 11.90 7.71
C THR A 285 -11.85 12.95 7.28
N TYR A 286 -11.92 14.13 7.88
CA TYR A 286 -11.02 15.22 7.52
C TYR A 286 -10.62 16.08 8.72
N GLU A 287 -9.65 15.60 9.50
CA GLU A 287 -9.15 16.31 10.66
C GLU A 287 -7.77 16.88 10.41
N GLY A 288 -7.18 16.52 9.28
CA GLY A 288 -5.87 17.05 8.92
C GLY A 288 -6.02 18.20 7.92
N GLU A 289 -5.15 18.23 6.92
CA GLU A 289 -5.19 19.27 5.90
C GLU A 289 -4.84 18.74 4.53
N ALA A 290 -5.49 19.30 3.51
CA ALA A 290 -5.28 18.85 2.15
C ALA A 290 -5.40 19.96 1.12
N PHE A 291 -4.61 19.84 0.06
CA PHE A 291 -4.68 20.75 -1.08
C PHE A 291 -5.01 19.83 -2.23
N THR A 292 -6.20 19.99 -2.81
CA THR A 292 -6.61 19.13 -3.92
C THR A 292 -6.68 19.88 -5.26
N VAL A 293 -6.04 21.04 -5.31
CA VAL A 293 -5.98 21.85 -6.52
C VAL A 293 -7.38 22.01 -7.11
N PRO A 294 -8.26 22.72 -6.42
CA PRO A 294 -9.64 22.93 -6.86
C PRO A 294 -9.81 23.52 -8.27
N SER A 295 -8.83 24.31 -8.71
CA SER A 295 -8.85 24.90 -10.05
C SER A 295 -7.40 25.02 -10.52
N SER A 296 -7.20 25.18 -11.84
CA SER A 296 -5.84 25.34 -12.37
C SER A 296 -5.16 26.61 -11.84
N THR A 297 -5.94 27.65 -11.58
CA THR A 297 -5.39 28.89 -11.05
C THR A 297 -4.88 28.65 -9.63
N ALA A 298 -5.63 27.88 -8.84
CA ALA A 298 -5.25 27.57 -7.47
C ALA A 298 -3.92 26.82 -7.50
N GLY A 299 -3.71 26.03 -8.55
CA GLY A 299 -2.48 25.27 -8.67
C GLY A 299 -1.22 26.10 -8.86
N GLU A 300 -1.38 27.34 -9.28
CA GLU A 300 -0.24 28.24 -9.49
C GLU A 300 0.53 28.50 -8.21
N VAL A 301 -0.13 28.36 -7.06
CA VAL A 301 0.52 28.58 -5.78
C VAL A 301 1.66 27.58 -5.52
N CYS A 302 1.62 26.42 -6.19
CA CYS A 302 2.68 25.41 -6.03
C CYS A 302 4.02 25.75 -6.62
N SER A 303 4.04 26.72 -7.54
CA SER A 303 5.27 27.10 -8.23
C SER A 303 6.48 27.39 -7.35
N THR A 304 6.31 28.20 -6.30
CA THR A 304 7.39 28.54 -5.39
C THR A 304 7.95 27.33 -4.61
N TYR A 305 7.10 26.33 -4.36
CA TYR A 305 7.51 25.18 -3.58
C TYR A 305 7.91 23.94 -4.34
N LEU A 306 7.24 23.66 -5.45
CA LEU A 306 7.55 22.45 -6.23
C LEU A 306 8.30 22.75 -7.54
N GLY A 307 8.45 24.02 -7.88
CA GLY A 307 9.13 24.35 -9.12
C GLY A 307 8.22 24.29 -10.33
N ARG A 308 6.92 24.08 -10.08
CA ARG A 308 5.94 24.01 -11.17
C ARG A 308 4.53 24.14 -10.54
N ASP A 309 3.51 24.29 -11.37
CA ASP A 309 2.14 24.38 -10.90
C ASP A 309 1.60 22.98 -10.54
N CYS A 310 0.63 22.93 -9.64
CA CYS A 310 -0.02 21.68 -9.29
C CYS A 310 -1.12 21.52 -10.34
N VAL A 311 -1.52 20.28 -10.61
CA VAL A 311 -2.55 19.99 -11.63
C VAL A 311 -3.85 19.43 -11.04
N ILE A 312 -4.98 19.77 -11.65
CA ILE A 312 -6.26 19.34 -11.13
C ILE A 312 -6.47 17.85 -11.24
N ASN A 313 -7.41 17.35 -10.42
CA ASN A 313 -7.82 15.94 -10.42
C ASN A 313 -9.11 15.85 -11.28
N GLY A 314 -9.47 14.63 -11.67
CA GLY A 314 -10.68 14.42 -12.43
C GLY A 314 -11.63 13.64 -11.55
N PHE A 315 -12.92 13.95 -11.63
CA PHE A 315 -13.91 13.22 -10.83
C PHE A 315 -15.00 12.74 -11.80
N GLY A 316 -15.26 11.44 -11.84
CA GLY A 316 -16.28 10.87 -12.70
C GLY A 316 -17.22 10.04 -11.84
N SER A 317 -18.48 10.46 -11.76
CA SER A 317 -19.50 9.76 -10.94
C SER A 317 -18.98 9.47 -9.53
N SER A 318 -18.35 10.45 -8.88
CA SER A 318 -17.81 10.25 -7.55
C SER A 318 -18.14 11.42 -6.65
N GLY A 319 -17.96 11.21 -5.34
CA GLY A 319 -18.16 12.28 -4.38
C GLY A 319 -17.02 13.28 -4.60
N THR A 320 -17.13 14.46 -4.00
CA THR A 320 -16.15 15.52 -4.13
C THR A 320 -15.02 15.52 -3.10
N PHE A 321 -13.95 16.23 -3.40
CA PHE A 321 -12.79 16.36 -2.52
C PHE A 321 -12.19 17.66 -3.01
N SER A 322 -12.64 18.77 -2.42
CA SER A 322 -12.21 20.09 -2.85
C SER A 322 -11.76 20.88 -1.61
N GLU A 323 -10.45 20.88 -1.34
CA GLU A 323 -9.89 21.57 -0.19
C GLU A 323 -8.68 22.36 -0.70
N ASP A 324 -8.47 23.57 -0.19
CA ASP A 324 -7.37 24.37 -0.67
C ASP A 324 -6.37 24.81 0.41
N SER A 325 -6.19 23.97 1.42
CA SER A 325 -5.26 24.33 2.50
C SER A 325 -3.83 24.26 2.01
N THR A 326 -3.08 25.33 2.20
CA THR A 326 -1.70 25.36 1.74
C THR A 326 -0.69 25.59 2.82
N SER A 327 -1.08 25.41 4.09
CA SER A 327 -0.16 25.68 5.19
C SER A 327 1.17 24.92 5.13
N PHE A 328 1.07 23.65 4.72
CA PHE A 328 2.21 22.74 4.64
C PHE A 328 3.06 22.73 3.36
N LEU A 329 2.81 23.62 2.41
CA LEU A 329 3.57 23.56 1.17
C LEU A 329 5.09 23.71 1.25
N SER A 330 5.58 24.43 2.25
CA SER A 330 7.03 24.61 2.39
C SER A 330 7.78 23.34 2.78
N ASP A 331 7.04 22.32 3.22
CA ASP A 331 7.64 21.04 3.59
C ASP A 331 8.13 20.28 2.35
N PHE A 332 7.81 20.81 1.16
CA PHE A 332 8.24 20.22 -0.10
C PHE A 332 9.59 20.72 -0.55
N GLU A 333 9.97 21.91 -0.08
CA GLU A 333 11.23 22.53 -0.44
C GLU A 333 12.48 21.66 -0.21
N GLY A 334 13.29 21.54 -1.26
CA GLY A 334 14.51 20.75 -1.19
C GLY A 334 14.35 19.25 -1.26
N LYS A 335 13.14 18.78 -1.55
CA LYS A 335 12.93 17.34 -1.63
C LYS A 335 12.71 16.94 -3.08
N ASN A 336 12.78 15.64 -3.35
CA ASN A 336 12.59 15.14 -4.70
C ASN A 336 11.11 15.01 -4.97
N ILE A 337 10.61 15.89 -5.84
CA ILE A 337 9.19 15.93 -6.17
C ILE A 337 8.89 15.19 -7.48
N ALA A 338 7.92 14.26 -7.41
CA ALA A 338 7.49 13.50 -8.57
C ALA A 338 6.73 14.43 -9.53
N SER A 339 6.96 14.30 -10.83
CA SER A 339 6.28 15.12 -11.82
C SER A 339 4.82 14.67 -11.96
N ALA A 340 4.01 15.53 -12.57
CA ALA A 340 2.60 15.25 -12.75
C ALA A 340 2.13 15.47 -14.19
N SER A 341 1.42 14.49 -14.72
CA SER A 341 0.84 14.60 -16.05
C SER A 341 -0.62 15.05 -15.81
N ALA A 342 -1.27 15.57 -16.85
CA ALA A 342 -2.67 15.97 -16.75
C ALA A 342 -3.47 14.73 -16.39
N TYR A 343 -4.60 14.91 -15.74
CA TYR A 343 -5.38 13.75 -15.33
C TYR A 343 -6.01 13.07 -16.51
N THR A 344 -6.08 13.76 -17.63
CA THR A 344 -6.72 13.21 -18.83
C THR A 344 -6.12 11.91 -19.36
N SER A 345 -4.86 11.63 -19.04
CA SER A 345 -4.23 10.41 -19.53
C SER A 345 -4.11 9.30 -18.48
N VAL A 346 -4.41 9.65 -17.23
CA VAL A 346 -4.29 8.76 -16.08
C VAL A 346 -5.06 7.43 -16.06
N ALA A 347 -6.38 7.49 -16.28
CA ALA A 347 -7.18 6.26 -16.25
C ALA A 347 -6.61 5.22 -17.21
N SER A 348 -6.32 5.63 -18.44
CA SER A 348 -5.77 4.74 -19.45
C SER A 348 -4.35 4.23 -19.14
N ARG A 349 -3.45 5.14 -18.76
CA ARG A 349 -2.09 4.72 -18.46
C ARG A 349 -1.91 3.88 -17.20
N VAL A 350 -2.74 4.12 -16.18
CA VAL A 350 -2.64 3.34 -14.95
C VAL A 350 -3.13 1.90 -15.19
N VAL A 351 -4.30 1.75 -15.78
CA VAL A 351 -4.82 0.40 -16.04
C VAL A 351 -3.88 -0.39 -16.94
N ALA A 352 -3.12 0.29 -17.79
CA ALA A 352 -2.18 -0.36 -18.68
C ALA A 352 -0.83 -0.73 -18.02
N ASN A 353 -0.37 0.10 -17.07
CA ASN A 353 0.93 -0.11 -16.41
C ASN A 353 1.02 -0.60 -14.98
N ALA A 354 -0.06 -0.43 -14.21
CA ALA A 354 -0.05 -0.84 -12.82
C ALA A 354 -0.06 -2.34 -12.56
N GLY A 355 0.71 -2.75 -11.55
CA GLY A 355 0.72 -4.13 -11.16
C GLY A 355 1.73 -5.07 -11.78
N GLN A 356 1.92 -6.19 -11.10
CA GLN A 356 2.83 -7.23 -11.53
C GLN A 356 2.46 -7.68 -12.95
N GLY A 357 3.47 -7.83 -13.79
CA GLY A 357 3.28 -8.27 -15.16
C GLY A 357 3.17 -7.19 -16.21
N ASN A 358 3.10 -5.94 -15.79
CA ASN A 358 2.96 -4.83 -16.74
C ASN A 358 4.22 -3.97 -16.81
N LEU A 359 5.34 -4.54 -16.42
CA LEU A 359 6.59 -3.82 -16.42
C LEU A 359 7.11 -3.82 -17.84
#